data_4Y0F
#
_entry.id   4Y0F
#
_cell.length_a   100.027
_cell.length_b   100.027
_cell.length_c   98.144
_cell.angle_alpha   90.00
_cell.angle_beta   90.00
_cell.angle_gamma   120.00
#
_symmetry.space_group_name_H-M   'P 65 2 2'
#
loop_
_entity.id
_entity.type
_entity.pdbx_description
1 polymer 'TAR DNA-binding protein 43'
2 polymer "DNA (5'-D(*GP*TP*TP*GP*AP*GP*CP*GP*TP*T)-3')"
3 water water
#
loop_
_entity_poly.entity_id
_entity_poly.type
_entity_poly.pdbx_seq_one_letter_code
_entity_poly.pdbx_strand_id
1 'polypeptide(L)'
;MRGSHHHHHHGSQKTSDLIVLGLPWKTTEQDLKEYFSTFGEVLMVQVKKDLKTGHSKGFGFVRFTEYETQVKVMSQRHMI
DGRWCDCKLPNSKQSQDEPLRSR
;
A,B
2 'polydeoxyribonucleotide' (DG)(DT)(DT)(DG)(DA)(DG)(DC)(DG)(DT)(DT) C,D
#
loop_
_chem_comp.id
_chem_comp.type
_chem_comp.name
_chem_comp.formula
DA DNA linking 2'-DEOXYADENOSINE-5'-MONOPHOSPHATE 'C10 H14 N5 O6 P'
DC DNA linking 2'-DEOXYCYTIDINE-5'-MONOPHOSPHATE 'C9 H14 N3 O7 P'
DG DNA linking 2'-DEOXYGUANOSINE-5'-MONOPHOSPHATE 'C10 H14 N5 O7 P'
DT DNA linking THYMIDINE-5'-MONOPHOSPHATE 'C10 H15 N2 O8 P'
#
# COMPACT_ATOMS: atom_id res chain seq x y z
N THR A 15 10.69 -24.26 -3.24
CA THR A 15 9.58 -25.00 -2.65
C THR A 15 8.63 -24.07 -1.90
N SER A 16 8.86 -22.77 -2.01
CA SER A 16 7.99 -21.79 -1.36
C SER A 16 7.99 -20.47 -2.13
N ASP A 17 6.87 -19.78 -2.10
CA ASP A 17 6.76 -18.48 -2.76
C ASP A 17 7.67 -17.47 -2.09
N LEU A 18 8.29 -16.63 -2.90
CA LEU A 18 9.01 -15.46 -2.40
C LEU A 18 8.27 -14.23 -2.85
N ILE A 19 8.05 -13.30 -1.93
CA ILE A 19 7.43 -12.03 -2.27
C ILE A 19 8.52 -11.07 -2.73
N VAL A 20 8.21 -10.31 -3.77
CA VAL A 20 9.17 -9.34 -4.31
C VAL A 20 8.68 -7.91 -4.07
N LEU A 21 9.47 -7.14 -3.34
CA LEU A 21 9.11 -5.78 -2.96
C LEU A 21 9.94 -4.74 -3.70
N GLY A 22 9.32 -3.61 -3.99
CA GLY A 22 10.05 -2.47 -4.55
C GLY A 22 9.91 -2.35 -6.05
N LEU A 23 9.18 -3.28 -6.66
CA LEU A 23 9.03 -3.32 -8.11
C LEU A 23 8.60 -1.97 -8.67
N PRO A 24 9.29 -1.51 -9.74
CA PRO A 24 8.87 -0.33 -10.49
C PRO A 24 7.42 -0.46 -10.96
N TRP A 25 6.76 0.65 -11.23
CA TRP A 25 5.35 0.63 -11.63
C TRP A 25 5.15 -0.07 -12.97
N LYS A 26 6.08 0.14 -13.90
CA LYS A 26 5.89 -0.32 -15.28
C LYS A 26 6.19 -1.80 -15.44
N THR A 27 6.83 -2.40 -14.44
CA THR A 27 7.25 -3.79 -14.52
C THR A 27 6.06 -4.73 -14.65
N THR A 28 6.12 -5.60 -15.65
CA THR A 28 5.04 -6.53 -15.93
C THR A 28 5.45 -7.95 -15.57
N GLU A 29 4.47 -8.85 -15.55
CA GLU A 29 4.71 -10.24 -15.16
C GLU A 29 5.85 -10.88 -15.97
N GLN A 30 5.76 -10.80 -17.29
CA GLN A 30 6.72 -11.49 -18.14
C GLN A 30 8.13 -10.90 -17.99
N ASP A 31 8.20 -9.60 -17.66
CA ASP A 31 9.48 -8.98 -17.37
C ASP A 31 10.09 -9.62 -16.14
N LEU A 32 9.33 -9.63 -15.06
CA LEU A 32 9.77 -10.27 -13.82
C LEU A 32 10.25 -11.68 -14.11
N LYS A 33 9.43 -12.43 -14.84
CA LYS A 33 9.78 -13.78 -15.26
C LYS A 33 11.12 -13.79 -15.98
N GLU A 34 11.19 -13.00 -17.05
CA GLU A 34 12.39 -12.90 -17.86
C GLU A 34 13.61 -12.71 -16.98
N TYR A 35 13.52 -11.75 -16.07
CA TYR A 35 14.62 -11.45 -15.17
C TYR A 35 14.97 -12.65 -14.28
N PHE A 36 13.98 -13.17 -13.56
CA PHE A 36 14.20 -14.24 -12.60
C PHE A 36 14.64 -15.54 -13.26
N SER A 37 14.43 -15.68 -14.56
CA SER A 37 14.82 -16.89 -15.27
C SER A 37 16.35 -16.98 -15.41
N THR A 38 17.03 -15.85 -15.28
CA THR A 38 18.49 -15.81 -15.40
C THR A 38 19.16 -16.50 -14.22
N PHE A 39 18.38 -16.81 -13.18
CA PHE A 39 18.88 -17.51 -12.01
C PHE A 39 18.54 -18.98 -12.07
N GLY A 40 17.43 -19.31 -12.73
CA GLY A 40 16.98 -20.67 -12.83
C GLY A 40 15.56 -20.76 -13.35
N GLU A 41 15.04 -21.98 -13.45
CA GLU A 41 13.69 -22.19 -13.95
C GLU A 41 12.66 -21.63 -12.98
N VAL A 42 11.71 -20.89 -13.51
CA VAL A 42 10.69 -20.24 -12.70
C VAL A 42 9.33 -20.88 -12.95
N LEU A 43 8.75 -21.48 -11.92
CA LEU A 43 7.45 -22.12 -12.02
C LEU A 43 6.38 -21.09 -12.31
N MET A 44 6.28 -20.08 -11.46
CA MET A 44 5.28 -19.04 -11.64
C MET A 44 5.77 -17.68 -11.16
N VAL A 45 5.03 -16.65 -11.56
CA VAL A 45 5.34 -15.27 -11.20
C VAL A 45 4.05 -14.50 -11.11
N GLN A 46 4.02 -13.49 -10.24
CA GLN A 46 2.82 -12.67 -10.07
C GLN A 46 3.20 -11.22 -9.82
N VAL A 47 2.48 -10.31 -10.47
CA VAL A 47 2.59 -8.89 -10.18
C VAL A 47 1.21 -8.41 -9.75
N LYS A 48 1.13 -7.87 -8.53
CA LYS A 48 -0.16 -7.49 -7.96
C LYS A 48 -0.57 -6.11 -8.45
N LYS A 49 -1.80 -6.02 -8.95
CA LYS A 49 -2.31 -4.79 -9.54
C LYS A 49 -3.75 -4.57 -9.11
N ASP A 50 -4.25 -3.37 -9.37
CA ASP A 50 -5.67 -3.09 -9.19
C ASP A 50 -6.42 -3.63 -10.41
N LEU A 51 -7.32 -4.57 -10.18
CA LEU A 51 -8.03 -5.25 -11.27
C LEU A 51 -8.77 -4.28 -12.19
N LYS A 52 -9.10 -3.11 -11.67
CA LYS A 52 -9.92 -2.16 -12.40
C LYS A 52 -9.09 -1.32 -13.38
N THR A 53 -7.82 -1.12 -13.06
CA THR A 53 -6.95 -0.29 -13.90
C THR A 53 -5.74 -1.06 -14.44
N GLY A 54 -5.39 -2.16 -13.79
CA GLY A 54 -4.23 -2.94 -14.18
C GLY A 54 -2.92 -2.32 -13.71
N HIS A 55 -3.01 -1.17 -13.06
CA HIS A 55 -1.83 -0.49 -12.54
C HIS A 55 -1.19 -1.31 -11.44
N SER A 56 0.11 -1.54 -11.56
CA SER A 56 0.84 -2.35 -10.58
C SER A 56 0.79 -1.72 -9.21
N LYS A 57 0.76 -2.56 -8.18
CA LYS A 57 0.75 -2.10 -6.81
C LYS A 57 2.17 -2.05 -6.25
N GLY A 58 3.12 -2.52 -7.05
CA GLY A 58 4.53 -2.35 -6.73
C GLY A 58 5.22 -3.59 -6.18
N PHE A 59 4.48 -4.68 -6.03
CA PHE A 59 5.04 -5.91 -5.49
C PHE A 59 4.49 -7.14 -6.20
N GLY A 60 5.19 -8.27 -6.08
CA GLY A 60 4.79 -9.49 -6.74
C GLY A 60 5.26 -10.74 -6.00
N PHE A 61 5.12 -11.88 -6.66
CA PHE A 61 5.53 -13.15 -6.07
C PHE A 61 6.23 -14.00 -7.13
N VAL A 62 7.01 -14.97 -6.68
CA VAL A 62 7.71 -15.86 -7.60
C VAL A 62 8.05 -17.19 -6.94
N ARG A 63 7.82 -18.27 -7.67
CA ARG A 63 8.13 -19.61 -7.20
C ARG A 63 9.18 -20.22 -8.12
N PHE A 64 10.27 -20.73 -7.54
CA PHE A 64 11.31 -21.38 -8.32
C PHE A 64 11.20 -22.90 -8.20
N THR A 65 11.69 -23.59 -9.22
CA THR A 65 11.69 -25.05 -9.22
C THR A 65 12.74 -25.57 -8.24
N GLU A 66 13.99 -25.21 -8.50
CA GLU A 66 15.08 -25.63 -7.62
C GLU A 66 15.06 -24.79 -6.36
N TYR A 67 15.54 -25.36 -5.26
CA TYR A 67 15.58 -24.66 -3.99
C TYR A 67 16.86 -23.82 -3.89
N GLU A 68 17.95 -24.35 -4.44
CA GLU A 68 19.22 -23.64 -4.40
C GLU A 68 19.10 -22.32 -5.15
N THR A 69 18.29 -22.31 -6.20
CA THR A 69 18.04 -21.10 -6.97
C THR A 69 17.25 -20.10 -6.13
N GLN A 70 16.40 -20.62 -5.25
CA GLN A 70 15.58 -19.77 -4.37
C GLN A 70 16.45 -19.11 -3.30
N VAL A 71 17.36 -19.87 -2.72
CA VAL A 71 18.25 -19.36 -1.68
C VAL A 71 19.14 -18.27 -2.25
N LYS A 72 19.66 -18.51 -3.44
CA LYS A 72 20.56 -17.58 -4.11
C LYS A 72 19.88 -16.22 -4.30
N VAL A 73 18.63 -16.26 -4.74
CA VAL A 73 17.90 -15.04 -5.08
C VAL A 73 17.64 -14.18 -3.85
N MET A 74 17.53 -14.82 -2.69
CA MET A 74 17.26 -14.10 -1.45
C MET A 74 18.53 -13.48 -0.87
N SER A 75 19.67 -14.09 -1.18
CA SER A 75 20.94 -13.66 -0.62
C SER A 75 21.38 -12.30 -1.17
N GLN A 76 20.66 -11.79 -2.16
CA GLN A 76 21.03 -10.55 -2.82
C GLN A 76 19.83 -9.68 -3.16
N ARG A 77 20.08 -8.39 -3.38
CA ARG A 77 19.06 -7.48 -3.86
C ARG A 77 18.96 -7.65 -5.38
N HIS A 78 18.04 -6.92 -6.00
CA HIS A 78 17.81 -7.07 -7.43
C HIS A 78 17.49 -5.75 -8.10
N MET A 79 18.32 -5.37 -9.07
CA MET A 79 18.07 -4.16 -9.85
C MET A 79 17.13 -4.51 -10.99
N ILE A 80 15.85 -4.21 -10.80
CA ILE A 80 14.84 -4.52 -11.80
C ILE A 80 14.27 -3.24 -12.40
N ASP A 81 14.53 -3.05 -13.68
CA ASP A 81 14.05 -1.87 -14.40
C ASP A 81 14.40 -0.58 -13.68
N GLY A 82 15.56 -0.54 -13.04
CA GLY A 82 16.11 0.70 -12.50
C GLY A 82 16.00 0.88 -11.00
N ARG A 83 15.36 -0.06 -10.32
CA ARG A 83 15.19 0.03 -8.87
C ARG A 83 15.56 -1.25 -8.15
N TRP A 84 16.17 -1.09 -6.97
CA TRP A 84 16.56 -2.23 -6.15
C TRP A 84 15.34 -2.87 -5.50
N CYS A 85 15.19 -4.18 -5.69
CA CYS A 85 14.04 -4.91 -5.19
C CYS A 85 14.50 -6.00 -4.22
N ASP A 86 13.63 -6.35 -3.28
CA ASP A 86 13.97 -7.33 -2.26
C ASP A 86 13.09 -8.57 -2.36
N CYS A 87 13.71 -9.73 -2.29
CA CYS A 87 12.97 -11.00 -2.31
C CYS A 87 12.99 -11.62 -0.92
N LYS A 88 11.85 -11.53 -0.24
CA LYS A 88 11.74 -12.03 1.12
C LYS A 88 10.70 -13.14 1.20
N LEU A 89 10.75 -13.91 2.28
CA LEU A 89 9.68 -14.84 2.60
C LEU A 89 8.48 -14.03 3.06
N PRO A 90 7.27 -14.42 2.64
CA PRO A 90 6.07 -13.65 2.97
C PRO A 90 5.48 -13.99 4.34
N ASN A 91 4.53 -13.16 4.79
CA ASN A 91 3.82 -13.36 6.04
C ASN A 91 2.45 -13.95 5.76
N SER A 92 2.24 -15.20 6.17
CA SER A 92 0.99 -15.90 5.92
C SER A 92 0.88 -16.36 4.47
N THR B 15 -6.19 22.38 15.98
CA THR B 15 -7.27 22.83 16.85
C THR B 15 -8.60 22.88 16.12
N SER B 16 -8.60 22.51 14.84
CA SER B 16 -9.82 22.50 14.04
C SER B 16 -9.97 21.19 13.27
N ASP B 17 -11.21 20.83 12.97
CA ASP B 17 -11.51 19.58 12.25
C ASP B 17 -11.01 19.64 10.82
N LEU B 18 -10.54 18.49 10.33
CA LEU B 18 -10.14 18.36 8.93
C LEU B 18 -11.03 17.32 8.26
N ILE B 19 -11.41 17.59 7.03
CA ILE B 19 -12.18 16.62 6.25
C ILE B 19 -11.21 15.74 5.46
N VAL B 20 -11.36 14.43 5.61
CA VAL B 20 -10.50 13.48 4.91
C VAL B 20 -11.24 12.92 3.69
N LEU B 21 -10.81 13.29 2.50
CA LEU B 21 -11.49 12.91 1.27
C LEU B 21 -10.91 11.65 0.64
N GLY B 22 -11.76 10.90 -0.04
CA GLY B 22 -11.32 9.78 -0.85
C GLY B 22 -11.13 8.49 -0.08
N LEU B 23 -11.75 8.38 1.09
CA LEU B 23 -11.66 7.15 1.88
C LEU B 23 -12.31 5.99 1.15
N PRO B 24 -11.66 4.82 1.16
CA PRO B 24 -12.32 3.59 0.69
C PRO B 24 -13.61 3.35 1.47
N TRP B 25 -14.57 2.64 0.87
CA TRP B 25 -15.88 2.46 1.47
C TRP B 25 -15.80 1.71 2.80
N LYS B 26 -14.83 0.81 2.92
CA LYS B 26 -14.73 -0.07 4.07
C LYS B 26 -13.98 0.55 5.25
N THR B 27 -13.34 1.70 5.02
CA THR B 27 -12.55 2.36 6.05
C THR B 27 -13.43 2.78 7.23
N THR B 28 -12.93 2.54 8.44
CA THR B 28 -13.68 2.84 9.66
C THR B 28 -13.01 3.91 10.50
N GLU B 29 -13.72 4.37 11.52
CA GLU B 29 -13.18 5.33 12.48
C GLU B 29 -11.85 4.85 13.02
N GLN B 30 -11.88 3.64 13.57
CA GLN B 30 -10.68 3.04 14.14
C GLN B 30 -9.52 3.06 13.15
N ASP B 31 -9.78 2.69 11.91
CA ASP B 31 -8.75 2.69 10.88
C ASP B 31 -8.09 4.06 10.80
N LEU B 32 -8.92 5.09 10.72
CA LEU B 32 -8.43 6.46 10.66
C LEU B 32 -7.62 6.78 11.92
N LYS B 33 -8.19 6.45 13.07
CA LYS B 33 -7.50 6.63 14.35
C LYS B 33 -6.11 6.01 14.29
N GLU B 34 -6.05 4.73 13.93
CA GLU B 34 -4.79 4.00 13.89
C GLU B 34 -3.80 4.66 12.94
N TYR B 35 -4.28 5.05 11.76
CA TYR B 35 -3.41 5.63 10.74
C TYR B 35 -2.94 7.02 11.12
N PHE B 36 -3.87 7.87 11.53
CA PHE B 36 -3.56 9.27 11.82
C PHE B 36 -2.84 9.45 13.16
N SER B 37 -2.84 8.42 13.99
CA SER B 37 -2.16 8.49 15.28
C SER B 37 -0.63 8.45 15.10
N THR B 38 -0.19 8.08 13.90
CA THR B 38 1.23 7.98 13.60
C THR B 38 1.88 9.35 13.43
N PHE B 39 1.06 10.36 13.18
CA PHE B 39 1.54 11.72 12.99
C PHE B 39 1.51 12.49 14.29
N GLY B 40 0.56 12.16 15.16
CA GLY B 40 0.45 12.81 16.45
C GLY B 40 -0.73 12.29 17.25
N GLU B 41 -1.20 13.09 18.19
CA GLU B 41 -2.32 12.69 19.04
C GLU B 41 -3.64 13.12 18.43
N VAL B 42 -4.59 12.19 18.38
CA VAL B 42 -5.90 12.45 17.80
C VAL B 42 -6.94 12.63 18.89
N LEU B 43 -7.76 13.67 18.77
CA LEU B 43 -8.82 13.92 19.75
C LEU B 43 -10.16 13.38 19.28
N MET B 44 -10.30 13.15 17.98
CA MET B 44 -11.53 12.55 17.47
C MET B 44 -11.41 12.17 16.00
N VAL B 45 -12.19 11.16 15.61
CA VAL B 45 -12.23 10.69 14.23
C VAL B 45 -13.68 10.40 13.87
N GLN B 46 -14.01 10.55 12.59
CA GLN B 46 -15.38 10.35 12.15
C GLN B 46 -15.45 9.92 10.70
N VAL B 47 -16.19 8.85 10.44
CA VAL B 47 -16.46 8.41 9.08
C VAL B 47 -17.94 8.61 8.79
N LYS B 48 -18.24 9.56 7.91
CA LYS B 48 -19.63 9.88 7.60
C LYS B 48 -20.34 8.71 6.95
N LYS B 49 -21.63 8.58 7.25
CA LYS B 49 -22.42 7.45 6.77
C LYS B 49 -23.81 7.89 6.35
N ASP B 50 -24.41 7.13 5.45
CA ASP B 50 -25.79 7.37 5.04
C ASP B 50 -26.69 7.08 6.24
N LEU B 51 -27.60 8.00 6.52
CA LEU B 51 -28.38 7.94 7.75
C LEU B 51 -29.08 6.60 7.94
N LYS B 52 -29.63 6.05 6.86
CA LYS B 52 -30.30 4.76 6.96
C LYS B 52 -29.36 3.64 6.57
N THR B 53 -29.02 3.54 5.29
CA THR B 53 -28.23 2.42 4.77
C THR B 53 -27.05 2.12 5.69
N GLY B 54 -26.52 3.15 6.33
CA GLY B 54 -25.43 2.99 7.28
C GLY B 54 -24.09 2.79 6.59
N HIS B 55 -24.07 3.00 5.27
CA HIS B 55 -22.85 2.85 4.49
C HIS B 55 -22.01 4.12 4.53
N SER B 56 -20.70 3.96 4.38
CA SER B 56 -19.78 5.10 4.36
C SER B 56 -19.99 5.91 3.09
N LYS B 57 -19.81 7.22 3.20
CA LYS B 57 -19.98 8.12 2.06
C LYS B 57 -18.63 8.51 1.46
N GLY B 58 -17.57 7.84 1.90
CA GLY B 58 -16.26 8.01 1.31
C GLY B 58 -15.40 9.10 1.94
N PHE B 59 -15.95 9.80 2.93
CA PHE B 59 -15.21 10.87 3.60
C PHE B 59 -15.50 10.90 5.09
N GLY B 60 -14.68 11.65 5.82
CA GLY B 60 -14.82 11.77 7.26
C GLY B 60 -14.11 12.99 7.80
N PHE B 61 -13.89 13.02 9.11
CA PHE B 61 -13.22 14.16 9.73
C PHE B 61 -12.24 13.69 10.79
N VAL B 62 -11.17 14.47 10.97
CA VAL B 62 -10.13 14.13 11.93
C VAL B 62 -9.70 15.38 12.70
N ARG B 63 -9.46 15.21 13.99
CA ARG B 63 -9.07 16.33 14.85
C ARG B 63 -7.82 15.97 15.63
N PHE B 64 -6.77 16.77 15.48
CA PHE B 64 -5.51 16.51 16.17
C PHE B 64 -5.36 17.40 17.40
N THR B 65 -4.58 16.92 18.36
CA THR B 65 -4.32 17.66 19.59
C THR B 65 -3.39 18.83 19.31
N GLU B 66 -2.27 18.56 18.65
CA GLU B 66 -1.30 19.60 18.32
C GLU B 66 -1.58 20.21 16.95
N TYR B 67 -1.35 21.51 16.84
CA TYR B 67 -1.51 22.22 15.58
C TYR B 67 -0.37 21.89 14.63
N GLU B 68 0.82 21.70 15.20
CA GLU B 68 1.98 21.28 14.42
C GLU B 68 1.67 19.96 13.73
N THR B 69 0.88 19.12 14.40
CA THR B 69 0.48 17.82 13.87
C THR B 69 -0.53 18.02 12.74
N GLN B 70 -1.35 19.05 12.87
CA GLN B 70 -2.38 19.36 11.88
C GLN B 70 -1.73 19.84 10.58
N VAL B 71 -0.81 20.79 10.71
CA VAL B 71 -0.10 21.34 9.56
C VAL B 71 0.53 20.25 8.70
N LYS B 72 1.19 19.29 9.36
CA LYS B 72 1.90 18.23 8.66
C LYS B 72 0.95 17.37 7.82
N VAL B 73 -0.20 17.04 8.39
CA VAL B 73 -1.16 16.17 7.73
C VAL B 73 -1.80 16.84 6.53
N MET B 74 -2.02 18.15 6.62
CA MET B 74 -2.63 18.90 5.53
C MET B 74 -1.65 19.08 4.38
N SER B 75 -0.37 18.89 4.67
CA SER B 75 0.69 19.20 3.71
C SER B 75 1.19 17.97 2.97
N GLN B 76 0.39 16.91 2.93
CA GLN B 76 0.75 15.72 2.16
C GLN B 76 -0.47 14.83 1.92
N ARG B 77 -0.43 14.10 0.81
CA ARG B 77 -1.47 13.13 0.50
C ARG B 77 -1.32 11.93 1.42
N HIS B 78 -2.32 11.05 1.46
CA HIS B 78 -2.29 9.92 2.37
C HIS B 78 -2.77 8.63 1.72
N MET B 79 -2.02 7.56 1.93
CA MET B 79 -2.36 6.25 1.41
C MET B 79 -3.10 5.43 2.47
N ILE B 80 -4.42 5.42 2.38
CA ILE B 80 -5.24 4.65 3.32
C ILE B 80 -6.01 3.56 2.59
N ASP B 81 -5.72 2.31 2.94
CA ASP B 81 -6.37 1.14 2.32
C ASP B 81 -6.32 1.18 0.79
N GLY B 82 -5.15 1.51 0.24
CA GLY B 82 -4.94 1.43 -1.19
C GLY B 82 -5.63 2.54 -1.98
N ARG B 83 -5.86 3.67 -1.33
CA ARG B 83 -6.40 4.84 -2.02
C ARG B 83 -5.76 6.11 -1.48
N TRP B 84 -5.48 7.06 -2.37
CA TRP B 84 -4.91 8.33 -1.95
C TRP B 84 -6.00 9.25 -1.44
N CYS B 85 -5.84 9.70 -0.20
CA CYS B 85 -6.82 10.53 0.46
C CYS B 85 -6.23 11.90 0.77
N ASP B 86 -7.11 12.91 0.87
CA ASP B 86 -6.67 14.28 1.04
C ASP B 86 -7.26 14.90 2.30
N CYS B 87 -6.51 15.78 2.93
CA CYS B 87 -6.96 16.45 4.14
C CYS B 87 -6.98 17.97 3.95
N LYS B 88 -8.14 18.57 4.18
CA LYS B 88 -8.31 20.01 4.03
C LYS B 88 -9.17 20.56 5.15
N LEU B 89 -9.35 21.87 5.14
CA LEU B 89 -10.34 22.51 5.99
C LEU B 89 -11.69 22.40 5.31
N PRO B 90 -12.69 21.83 5.99
CA PRO B 90 -14.03 21.71 5.39
C PRO B 90 -14.58 23.07 4.94
N ASN B 91 -15.67 23.03 4.17
CA ASN B 91 -16.27 24.25 3.64
C ASN B 91 -17.39 24.76 4.54
#